data_3ZI4
#
_entry.id   3ZI4
#
_cell.length_a   37.152
_cell.length_b   54.238
_cell.length_c   104.550
_cell.angle_alpha   90.00
_cell.angle_beta   90.00
_cell.angle_gamma   90.00
#
_symmetry.space_group_name_H-M   'P 21 21 21'
#
loop_
_entity.id
_entity.type
_entity.pdbx_description
1 polymer BETA-PHOSPHOGLUCOMUTASE
2 non-polymer 'MAGNESIUM ION'
3 non-polymer 6-O-phosphono-beta-D-glucopyranose
4 non-polymer 'Scandium Tetrafluoride'
5 water water
#
_entity_poly.entity_id   1
_entity_poly.type   'polypeptide(L)'
_entity_poly.pdbx_seq_one_letter_code
;MFKAVLFDLDGVITDTAEYHFRAWKALAEEIGINGVDRQFNEQLKGVSREDSLQKILDLADKKVSAEEFKELAKRKNDNY
VKMIQDVSPADVYPGILQLLKDLRSNKIKIALASASKNGPFLLERMNLTGYFDAIADPAEVAASKPAPDIFIAAAHAVGV
APSESIGLEDSQAGIQAIKDSGALPIGVGRPEDLGDDIVIVPDTSHYTLEFLKEVWLQKQK
;
_entity_poly.pdbx_strand_id   A
#
# COMPACT_ATOMS: atom_id res chain seq x y z
N MET A 1 -24.44 -4.56 3.38
CA MET A 1 -23.38 -3.64 3.83
C MET A 1 -22.03 -4.36 3.62
N PHE A 2 -20.99 -3.58 3.37
CA PHE A 2 -19.68 -4.22 3.28
C PHE A 2 -19.31 -4.87 4.62
N LYS A 3 -18.52 -5.95 4.54
CA LYS A 3 -18.15 -6.74 5.71
C LYS A 3 -16.67 -6.74 6.05
N ALA A 4 -15.85 -6.13 5.20
CA ALA A 4 -14.40 -5.99 5.43
C ALA A 4 -13.87 -4.75 4.73
N VAL A 5 -12.82 -4.23 5.34
CA VAL A 5 -11.99 -3.18 4.70
C VAL A 5 -10.56 -3.75 4.61
N LEU A 6 -10.02 -3.66 3.42
CA LEU A 6 -8.72 -4.20 3.03
C LEU A 6 -7.79 -3.00 2.86
N PHE A 7 -6.87 -2.82 3.79
CA PHE A 7 -5.99 -1.66 3.83
C PHE A 7 -4.66 -1.89 3.14
N ASP A 8 -4.32 -1.04 2.17
CA ASP A 8 -2.94 -0.77 1.87
C ASP A 8 -2.29 -0.09 3.10
N LEU A 9 -0.96 -0.18 3.24
CA LEU A 9 -0.26 0.48 4.34
C LEU A 9 0.39 1.78 3.83
N ASP A 10 1.41 1.65 2.97
CA ASP A 10 2.22 2.82 2.65
C ASP A 10 1.44 3.86 1.85
N GLY A 11 1.34 5.07 2.34
CA GLY A 11 0.51 6.10 1.79
C GLY A 11 -0.95 6.10 2.13
N VAL A 12 -1.39 5.13 2.95
CA VAL A 12 -2.79 5.05 3.37
C VAL A 12 -2.86 5.11 4.91
N ILE A 13 -2.11 4.24 5.60
CA ILE A 13 -2.07 4.23 7.05
C ILE A 13 -1.10 5.29 7.57
N THR A 14 0.02 5.52 6.84
CA THR A 14 1.00 6.49 7.23
C THR A 14 1.77 6.92 5.98
N ASP A 15 2.64 7.93 6.15
CA ASP A 15 3.38 8.54 5.06
C ASP A 15 4.66 7.77 4.67
N THR A 16 4.64 6.45 4.67
CA THR A 16 5.83 5.69 4.33
C THR A 16 6.00 5.58 2.82
N ALA A 17 4.99 5.91 2.01
CA ALA A 17 5.24 5.99 0.57
C ALA A 17 6.33 7.02 0.29
N GLU A 18 6.39 8.08 1.07
CA GLU A 18 7.40 9.14 0.91
C GLU A 18 8.79 8.52 1.17
N TYR A 19 8.91 7.67 2.18
CA TYR A 19 10.19 7.07 2.51
C TYR A 19 10.62 6.04 1.47
N HIS A 20 9.69 5.22 0.96
CA HIS A 20 10.02 4.33 -0.15
C HIS A 20 10.54 5.13 -1.34
N PHE A 21 9.88 6.26 -1.69
CA PHE A 21 10.32 7.13 -2.77
C PHE A 21 11.74 7.63 -2.52
N ARG A 22 11.98 8.21 -1.35
CA ARG A 22 13.30 8.78 -1.09
C ARG A 22 14.39 7.70 -1.18
N ALA A 23 14.08 6.53 -0.64
CA ALA A 23 15.03 5.42 -0.67
C ALA A 23 15.29 4.93 -2.09
N TRP A 24 14.24 4.76 -2.88
CA TRP A 24 14.44 4.28 -4.27
C TRP A 24 15.20 5.32 -5.09
N LYS A 25 14.90 6.59 -4.89
CA LYS A 25 15.55 7.64 -5.64
C LYS A 25 17.05 7.62 -5.29
N ALA A 26 17.39 7.49 -4.01
CA ALA A 26 18.81 7.45 -3.61
C ALA A 26 19.50 6.27 -4.26
N LEU A 27 18.84 5.11 -4.28
CA LEU A 27 19.44 3.91 -4.85
C LEU A 27 19.70 4.17 -6.33
N ALA A 28 18.69 4.65 -7.05
CA ALA A 28 18.78 4.93 -8.48
C ALA A 28 19.96 5.84 -8.74
N GLU A 29 20.07 6.89 -7.97
CA GLU A 29 21.14 7.84 -8.27
C GLU A 29 22.51 7.23 -8.00
N GLU A 30 22.63 6.34 -7.01
CA GLU A 30 23.89 5.64 -6.75
C GLU A 30 24.37 4.88 -7.99
N ILE A 31 23.43 4.35 -8.75
CA ILE A 31 23.78 3.62 -9.96
C ILE A 31 23.68 4.46 -11.26
N GLY A 32 23.59 5.77 -11.09
CA GLY A 32 23.62 6.69 -12.23
C GLY A 32 22.33 6.88 -12.98
N ILE A 33 21.20 6.52 -12.37
CA ILE A 33 19.87 6.65 -12.97
C ILE A 33 19.18 7.79 -12.25
N ASN A 34 18.87 8.85 -12.98
CA ASN A 34 18.36 10.10 -12.38
C ASN A 34 16.87 10.33 -12.62
N GLY A 35 16.20 9.38 -13.27
CA GLY A 35 14.81 9.58 -13.67
C GLY A 35 13.74 9.30 -12.63
N VAL A 36 14.11 8.90 -11.43
CA VAL A 36 13.12 8.63 -10.39
C VAL A 36 12.76 9.94 -9.70
N ASP A 37 11.82 10.65 -10.29
CA ASP A 37 11.25 11.86 -9.71
C ASP A 37 9.83 11.48 -9.25
N ARG A 38 9.11 12.46 -8.70
CA ARG A 38 7.81 12.15 -8.14
C ARG A 38 6.87 11.63 -9.18
N GLN A 39 6.92 12.17 -10.39
CA GLN A 39 6.03 11.72 -11.47
C GLN A 39 6.32 10.27 -11.79
N PHE A 40 7.59 9.91 -11.99
CA PHE A 40 7.95 8.49 -12.24
C PHE A 40 7.52 7.60 -11.10
N ASN A 41 7.70 8.10 -9.89
CA ASN A 41 7.44 7.29 -8.70
C ASN A 41 5.96 6.86 -8.62
N GLU A 42 5.05 7.51 -9.32
CA GLU A 42 3.68 7.01 -9.36
C GLU A 42 3.61 5.60 -9.93
N GLN A 43 4.54 5.27 -10.82
CA GLN A 43 4.69 3.90 -11.34
C GLN A 43 5.27 2.88 -10.39
N LEU A 44 5.93 3.35 -9.32
CA LEU A 44 6.55 2.49 -8.34
C LEU A 44 5.64 2.28 -7.14
N LYS A 45 4.71 3.19 -6.84
CA LYS A 45 3.85 2.99 -5.66
C LYS A 45 3.08 1.68 -5.79
N GLY A 46 3.03 0.90 -4.72
CA GLY A 46 2.33 -0.37 -4.78
C GLY A 46 3.06 -1.59 -5.32
N VAL A 47 4.19 -1.36 -5.96
CA VAL A 47 4.95 -2.36 -6.68
C VAL A 47 5.95 -3.01 -5.72
N SER A 48 6.18 -4.31 -5.86
CA SER A 48 7.08 -5.04 -4.97
C SER A 48 8.52 -4.54 -5.03
N ARG A 49 9.33 -4.99 -4.09
CA ARG A 49 10.70 -4.52 -4.00
C ARG A 49 11.48 -4.82 -5.31
N GLU A 50 11.41 -6.07 -5.72
CA GLU A 50 12.14 -6.50 -6.92
C GLU A 50 11.55 -5.88 -8.19
N ASP A 51 10.23 -5.80 -8.27
CA ASP A 51 9.62 -5.19 -9.45
C ASP A 51 9.95 -3.69 -9.53
N SER A 52 10.07 -3.04 -8.36
CA SER A 52 10.44 -1.64 -8.31
C SER A 52 11.85 -1.41 -8.87
N LEU A 53 12.79 -2.20 -8.39
CA LEU A 53 14.15 -2.12 -8.92
C LEU A 53 14.18 -2.39 -10.42
N GLN A 54 13.44 -3.38 -10.88
CA GLN A 54 13.45 -3.67 -12.31
C GLN A 54 12.85 -2.52 -13.13
N LYS A 55 11.80 -1.85 -12.65
CA LYS A 55 11.27 -0.67 -13.34
C LYS A 55 12.29 0.44 -13.42
N ILE A 56 13.07 0.63 -12.35
CA ILE A 56 14.11 1.64 -12.35
C ILE A 56 15.23 1.28 -13.34
N LEU A 57 15.68 0.02 -13.35
CA LEU A 57 16.67 -0.41 -14.35
C LEU A 57 16.13 -0.23 -15.79
N ASP A 58 14.85 -0.54 -16.00
CA ASP A 58 14.26 -0.43 -17.35
C ASP A 58 14.16 0.99 -17.82
N LEU A 59 13.74 1.88 -16.94
CA LEU A 59 13.71 3.31 -17.26
C LEU A 59 15.00 3.73 -17.98
N ALA A 60 16.12 3.19 -17.51
CA ALA A 60 17.46 3.50 -18.05
C ALA A 60 18.02 2.54 -19.08
N ASP A 61 17.26 1.51 -19.45
CA ASP A 61 17.75 0.44 -20.32
C ASP A 61 19.03 -0.17 -19.74
N LYS A 62 19.10 -0.23 -18.43
CA LYS A 62 20.28 -0.73 -17.73
C LYS A 62 20.14 -2.20 -17.37
N LYS A 63 21.24 -2.93 -17.55
CA LYS A 63 21.34 -4.33 -17.17
C LYS A 63 22.41 -4.41 -16.10
N VAL A 64 22.13 -5.18 -15.06
CA VAL A 64 23.10 -5.48 -14.01
C VAL A 64 23.19 -7.02 -13.78
N SER A 65 24.24 -7.51 -13.13
CA SER A 65 24.31 -8.91 -12.81
C SER A 65 23.26 -9.32 -11.79
N ALA A 66 22.93 -10.60 -11.77
CA ALA A 66 22.03 -11.13 -10.75
C ALA A 66 22.54 -10.84 -9.35
N GLU A 67 23.84 -10.99 -9.15
CA GLU A 67 24.44 -10.67 -7.87
C GLU A 67 24.23 -9.18 -7.51
N GLU A 68 24.49 -8.29 -8.44
CA GLU A 68 24.28 -6.86 -8.20
C GLU A 68 22.80 -6.55 -7.92
N PHE A 69 21.90 -7.20 -8.63
CA PHE A 69 20.47 -6.94 -8.47
C PHE A 69 20.10 -7.23 -7.02
N LYS A 70 20.49 -8.39 -6.54
CA LYS A 70 20.21 -8.80 -5.18
C LYS A 70 20.81 -7.80 -4.18
N GLU A 71 22.03 -7.37 -4.41
CA GLU A 71 22.67 -6.41 -3.51
C GLU A 71 21.93 -5.06 -3.52
N LEU A 72 21.50 -4.61 -4.68
CA LEU A 72 20.82 -3.33 -4.77
C LEU A 72 19.48 -3.34 -4.02
N ALA A 73 18.68 -4.37 -4.22
CA ALA A 73 17.42 -4.49 -3.49
C ALA A 73 17.64 -4.53 -2.00
N LYS A 74 18.63 -5.27 -1.54
CA LYS A 74 18.99 -5.30 -0.13
C LYS A 74 19.47 -3.95 0.38
N ARG A 75 20.28 -3.27 -0.40
CA ARG A 75 20.80 -1.96 -0.01
C ARG A 75 19.65 -1.00 0.19
N LYS A 76 18.72 -0.97 -0.75
CA LYS A 76 17.56 -0.06 -0.61
C LYS A 76 16.76 -0.43 0.64
N ASN A 77 16.52 -1.72 0.84
CA ASN A 77 15.76 -2.15 2.01
C ASN A 77 16.48 -1.79 3.31
N ASP A 78 17.78 -1.96 3.39
CA ASP A 78 18.49 -1.67 4.63
C ASP A 78 18.36 -0.15 4.94
N ASN A 79 18.41 0.70 3.91
CA ASN A 79 18.28 2.13 4.08
C ASN A 79 16.86 2.45 4.55
N TYR A 80 15.88 1.89 3.84
CA TYR A 80 14.47 2.12 4.22
C TYR A 80 14.17 1.67 5.64
N VAL A 81 14.69 0.53 6.05
CA VAL A 81 14.45 0.03 7.40
C VAL A 81 15.06 0.98 8.41
N LYS A 82 16.22 1.54 8.12
CA LYS A 82 16.79 2.59 9.01
C LYS A 82 15.90 3.82 9.05
N MET A 83 15.34 4.20 7.89
CA MET A 83 14.46 5.40 7.87
C MET A 83 13.22 5.27 8.74
N ILE A 84 12.68 4.08 8.87
CA ILE A 84 11.39 3.90 9.56
C ILE A 84 11.51 3.56 11.07
N GLN A 85 12.72 3.48 11.61
CA GLN A 85 12.85 3.08 13.01
C GLN A 85 12.09 3.98 13.97
N ASP A 86 12.03 5.29 13.69
CA ASP A 86 11.38 6.25 14.58
C ASP A 86 9.92 6.48 14.26
N VAL A 87 9.32 5.77 13.32
CA VAL A 87 7.87 5.84 13.14
C VAL A 87 7.17 5.48 14.45
N SER A 88 6.15 6.25 14.78
CA SER A 88 5.46 6.11 16.06
C SER A 88 3.93 6.25 15.82
N PRO A 89 3.15 6.02 16.89
CA PRO A 89 1.69 6.30 16.77
C PRO A 89 1.35 7.72 16.27
N ALA A 90 2.20 8.68 16.58
CA ALA A 90 1.91 10.05 16.18
C ALA A 90 1.98 10.19 14.67
N ASP A 91 2.58 9.20 13.96
CA ASP A 91 2.66 9.26 12.49
C ASP A 91 1.48 8.64 11.76
N VAL A 92 0.55 8.03 12.50
CA VAL A 92 -0.62 7.50 11.85
C VAL A 92 -1.35 8.64 11.17
N TYR A 93 -1.76 8.41 9.93
CA TYR A 93 -2.43 9.44 9.15
C TYR A 93 -3.76 9.81 9.79
N PRO A 94 -4.22 11.03 9.53
N PRO A 94 -4.21 11.05 9.59
CA PRO A 94 -5.47 11.44 10.18
CA PRO A 94 -5.53 11.52 10.03
C PRO A 94 -6.64 10.59 9.71
C PRO A 94 -6.67 10.58 9.67
N GLY A 95 -7.52 10.31 10.67
CA GLY A 95 -8.69 9.49 10.45
C GLY A 95 -8.50 8.01 10.58
N ILE A 96 -7.29 7.52 10.42
CA ILE A 96 -7.10 6.09 10.29
C ILE A 96 -7.34 5.35 11.62
N LEU A 97 -6.78 5.85 12.73
CA LEU A 97 -7.03 5.22 14.03
C LEU A 97 -8.52 5.16 14.36
N GLN A 98 -9.23 6.26 14.16
CA GLN A 98 -10.66 6.29 14.45
C GLN A 98 -11.44 5.34 13.57
N LEU A 99 -11.04 5.27 12.29
CA LEU A 99 -11.66 4.36 11.34
C LEU A 99 -11.54 2.93 11.81
N LEU A 100 -10.35 2.55 12.25
CA LEU A 100 -10.13 1.17 12.77
C LEU A 100 -11.03 0.90 13.96
N LYS A 101 -11.14 1.85 14.85
CA LYS A 101 -12.01 1.72 16.07
C LYS A 101 -13.48 1.59 15.66
N ASP A 102 -13.91 2.44 14.74
CA ASP A 102 -15.29 2.45 14.29
C ASP A 102 -15.64 1.15 13.56
N LEU A 103 -14.72 0.66 12.72
CA LEU A 103 -14.93 -0.60 12.04
C LEU A 103 -15.11 -1.76 13.03
N ARG A 104 -14.22 -1.83 14.01
CA ARG A 104 -14.35 -2.87 15.01
C ARG A 104 -15.65 -2.78 15.78
N SER A 105 -16.08 -1.58 16.14
CA SER A 105 -17.32 -1.43 16.88
C SER A 105 -18.54 -1.88 16.07
N ASN A 106 -18.44 -1.76 14.75
CA ASN A 106 -19.51 -2.16 13.81
C ASN A 106 -19.30 -3.56 13.22
N LYS A 107 -18.34 -4.32 13.79
CA LYS A 107 -18.12 -5.73 13.43
C LYS A 107 -17.76 -5.94 11.96
N ILE A 108 -17.03 -4.96 11.42
CA ILE A 108 -16.48 -5.03 10.09
C ILE A 108 -15.03 -5.46 10.19
N LYS A 109 -14.68 -6.51 9.46
CA LYS A 109 -13.34 -7.04 9.49
C LYS A 109 -12.32 -6.05 8.89
N ILE A 110 -11.10 -6.17 9.41
CA ILE A 110 -9.96 -5.33 9.07
C ILE A 110 -8.80 -6.23 8.65
N ALA A 111 -8.33 -6.07 7.41
CA ALA A 111 -7.20 -6.86 6.93
C ALA A 111 -6.19 -5.98 6.25
N LEU A 112 -4.91 -6.32 6.43
CA LEU A 112 -3.83 -5.64 5.70
C LEU A 112 -3.56 -6.33 4.38
N ALA A 113 -3.56 -5.56 3.30
CA ALA A 113 -3.24 -5.97 1.96
C ALA A 113 -2.07 -5.16 1.46
N SER A 114 -0.95 -5.25 2.19
CA SER A 114 0.28 -4.58 1.82
C SER A 114 1.29 -5.55 1.16
N ALA A 115 1.92 -5.03 0.14
CA ALA A 115 3.02 -5.70 -0.54
C ALA A 115 4.29 -5.66 0.30
N SER A 116 4.33 -4.82 1.35
CA SER A 116 5.60 -4.58 2.06
C SER A 116 5.89 -5.63 3.09
N LYS A 117 7.07 -6.19 2.98
CA LYS A 117 7.54 -7.13 3.96
C LYS A 117 7.82 -6.46 5.28
N ASN A 118 7.90 -5.13 5.30
CA ASN A 118 8.07 -4.33 6.48
C ASN A 118 6.72 -3.94 7.13
N GLY A 119 5.61 -4.46 6.59
CA GLY A 119 4.30 -4.06 7.10
C GLY A 119 4.07 -4.40 8.56
N PRO A 120 4.35 -5.64 8.97
CA PRO A 120 4.09 -6.00 10.39
C PRO A 120 4.92 -5.12 11.36
N PHE A 121 6.19 -4.87 11.04
CA PHE A 121 7.00 -4.01 11.87
C PHE A 121 6.40 -2.60 11.99
N LEU A 122 5.90 -2.07 10.85
CA LEU A 122 5.30 -0.73 10.87
C LEU A 122 4.00 -0.68 11.67
N LEU A 123 3.16 -1.72 11.57
CA LEU A 123 1.95 -1.70 12.39
C LEU A 123 2.29 -1.74 13.89
N GLU A 124 3.36 -2.46 14.23
CA GLU A 124 3.82 -2.48 15.65
C GLU A 124 4.38 -1.11 16.05
N ARG A 125 5.16 -0.47 15.19
CA ARG A 125 5.64 0.88 15.51
C ARG A 125 4.51 1.86 15.82
N MET A 126 3.40 1.69 15.08
CA MET A 126 2.25 2.62 15.21
C MET A 126 1.21 2.15 16.22
N ASN A 127 1.46 1.05 16.94
CA ASN A 127 0.48 0.47 17.85
C ASN A 127 -0.85 0.20 17.20
N LEU A 128 -0.80 -0.35 15.98
CA LEU A 128 -1.97 -0.66 15.22
C LEU A 128 -2.25 -2.17 15.07
N THR A 129 -1.28 -3.01 15.41
CA THR A 129 -1.42 -4.46 15.18
C THR A 129 -2.71 -5.05 15.74
N GLY A 130 -3.12 -4.59 16.93
CA GLY A 130 -4.28 -5.20 17.59
C GLY A 130 -5.59 -4.90 16.91
N TYR A 131 -5.60 -3.91 16.00
CA TYR A 131 -6.81 -3.59 15.23
C TYR A 131 -7.06 -4.57 14.09
N PHE A 132 -6.03 -5.30 13.66
CA PHE A 132 -6.12 -6.07 12.43
C PHE A 132 -6.56 -7.50 12.70
N ASP A 133 -7.60 -7.91 12.00
CA ASP A 133 -8.07 -9.28 12.07
C ASP A 133 -7.17 -10.23 11.29
N ALA A 134 -6.51 -9.72 10.24
CA ALA A 134 -5.54 -10.50 9.48
C ALA A 134 -4.54 -9.60 8.81
N ILE A 135 -3.35 -10.12 8.56
CA ILE A 135 -2.35 -9.47 7.71
C ILE A 135 -2.05 -10.46 6.58
N ALA A 136 -2.33 -10.11 5.32
CA ALA A 136 -1.99 -11.03 4.24
C ALA A 136 -0.51 -10.97 4.01
N ASP A 137 0.17 -12.11 4.07
CA ASP A 137 1.62 -12.15 3.93
C ASP A 137 1.95 -12.01 2.44
N PRO A 138 2.63 -10.94 2.03
CA PRO A 138 2.92 -10.74 0.61
C PRO A 138 3.90 -11.75 0.02
N ALA A 139 4.63 -12.48 0.84
CA ALA A 139 5.48 -13.56 0.31
C ALA A 139 4.68 -14.83 -0.06
N GLU A 140 3.44 -14.96 0.42
CA GLU A 140 2.65 -16.16 0.16
C GLU A 140 1.92 -16.07 -1.19
N VAL A 141 1.58 -14.87 -1.66
CA VAL A 141 0.81 -14.77 -2.95
C VAL A 141 1.71 -15.12 -4.14
N ALA A 142 1.15 -15.72 -5.18
CA ALA A 142 1.96 -16.05 -6.36
C ALA A 142 2.20 -14.85 -7.28
N ALA A 143 1.39 -13.79 -7.15
CA ALA A 143 1.49 -12.60 -8.03
C ALA A 143 1.25 -11.34 -7.20
N SER A 144 2.12 -10.32 -7.36
CA SER A 144 2.05 -9.07 -6.62
CA SER A 144 1.99 -9.09 -6.59
C SER A 144 1.26 -7.99 -7.37
N LYS A 145 0.95 -6.87 -6.69
CA LYS A 145 0.25 -5.75 -7.32
C LYS A 145 0.95 -5.32 -8.61
N PRO A 146 0.19 -5.04 -9.72
CA PRO A 146 -1.26 -4.84 -9.85
C PRO A 146 -2.14 -6.11 -9.96
N ALA A 147 -1.55 -7.30 -9.86
CA ALA A 147 -2.38 -8.48 -9.74
C ALA A 147 -3.23 -8.39 -8.46
N PRO A 148 -4.48 -8.90 -8.49
CA PRO A 148 -5.38 -8.78 -7.35
C PRO A 148 -5.11 -9.73 -6.17
N ASP A 149 -4.15 -10.67 -6.28
CA ASP A 149 -3.99 -11.76 -5.34
C ASP A 149 -3.94 -11.36 -3.87
N ILE A 150 -3.17 -10.30 -3.58
CA ILE A 150 -3.04 -9.86 -2.18
C ILE A 150 -4.35 -9.35 -1.57
N PHE A 151 -5.17 -8.66 -2.38
CA PHE A 151 -6.52 -8.25 -1.90
C PHE A 151 -7.43 -9.46 -1.71
N ILE A 152 -7.36 -10.40 -2.65
CA ILE A 152 -8.14 -11.64 -2.54
C ILE A 152 -7.75 -12.39 -1.28
N ALA A 153 -6.44 -12.46 -1.01
CA ALA A 153 -5.94 -13.17 0.17
C ALA A 153 -6.36 -12.50 1.47
N ALA A 154 -6.30 -11.16 1.48
CA ALA A 154 -6.73 -10.38 2.65
C ALA A 154 -8.20 -10.67 2.99
N ALA A 155 -9.03 -10.64 1.97
CA ALA A 155 -10.45 -10.88 2.13
C ALA A 155 -10.69 -12.34 2.66
N HIS A 156 -9.99 -13.30 2.04
CA HIS A 156 -10.09 -14.69 2.47
C HIS A 156 -9.68 -14.91 3.93
N ALA A 157 -8.61 -14.22 4.36
CA ALA A 157 -8.09 -14.36 5.70
C ALA A 157 -9.10 -13.93 6.74
N VAL A 158 -10.06 -13.07 6.36
CA VAL A 158 -11.06 -12.60 7.30
C VAL A 158 -12.43 -13.20 7.03
N GLY A 159 -12.51 -14.18 6.12
CA GLY A 159 -13.78 -14.87 5.87
C GLY A 159 -14.82 -14.04 5.15
N VAL A 160 -14.39 -13.08 4.33
CA VAL A 160 -15.30 -12.16 3.65
C VAL A 160 -15.03 -12.19 2.16
N ALA A 161 -16.08 -12.22 1.36
CA ALA A 161 -15.87 -12.19 -0.08
C ALA A 161 -15.26 -10.83 -0.49
N PRO A 162 -14.38 -10.83 -1.49
CA PRO A 162 -13.90 -9.53 -2.03
C PRO A 162 -15.02 -8.60 -2.48
N SER A 163 -16.11 -9.18 -3.05
CA SER A 163 -17.23 -8.38 -3.50
C SER A 163 -18.00 -7.68 -2.38
N GLU A 164 -17.80 -8.11 -1.12
CA GLU A 164 -18.38 -7.46 0.04
C GLU A 164 -17.31 -6.71 0.83
N SER A 165 -16.24 -6.32 0.12
CA SER A 165 -15.16 -5.60 0.74
C SER A 165 -14.90 -4.27 0.06
N ILE A 166 -14.34 -3.35 0.85
CA ILE A 166 -13.81 -2.06 0.35
C ILE A 166 -12.27 -2.15 0.45
N GLY A 167 -11.56 -1.70 -0.61
CA GLY A 167 -10.08 -1.59 -0.53
C GLY A 167 -9.69 -0.14 -0.53
N LEU A 168 -8.72 0.21 0.32
CA LEU A 168 -8.20 1.57 0.40
C LEU A 168 -6.78 1.59 -0.14
N GLU A 169 -6.50 2.51 -1.08
CA GLU A 169 -5.21 2.52 -1.78
C GLU A 169 -4.82 3.93 -2.17
N ASP A 170 -3.51 4.16 -2.27
CA ASP A 170 -2.95 5.41 -2.76
C ASP A 170 -2.26 5.30 -4.13
N SER A 171 -2.28 4.13 -4.76
CA SER A 171 -1.44 3.84 -5.93
C SER A 171 -2.20 3.38 -7.15
N GLN A 172 -1.65 3.69 -8.33
CA GLN A 172 -2.21 3.17 -9.56
C GLN A 172 -2.23 1.64 -9.55
N ALA A 173 -1.10 0.99 -9.21
CA ALA A 173 -0.99 -0.48 -9.19
C ALA A 173 -2.01 -1.07 -8.24
N GLY A 174 -2.13 -0.48 -7.07
CA GLY A 174 -3.05 -1.01 -6.09
C GLY A 174 -4.50 -0.80 -6.41
N ILE A 175 -4.86 0.31 -7.00
CA ILE A 175 -6.23 0.49 -7.43
C ILE A 175 -6.59 -0.60 -8.46
N GLN A 176 -5.71 -0.88 -9.41
CA GLN A 176 -6.00 -1.90 -10.41
C GLN A 176 -6.17 -3.25 -9.70
N ALA A 177 -5.30 -3.56 -8.73
CA ALA A 177 -5.38 -4.79 -7.95
C ALA A 177 -6.73 -4.90 -7.24
N ILE A 178 -7.22 -3.83 -6.64
CA ILE A 178 -8.54 -3.85 -6.01
C ILE A 178 -9.61 -4.09 -7.06
N LYS A 179 -9.56 -3.35 -8.17
CA LYS A 179 -10.58 -3.55 -9.24
C LYS A 179 -10.67 -5.03 -9.63
N ASP A 180 -9.53 -5.67 -9.86
CA ASP A 180 -9.53 -7.03 -10.39
C ASP A 180 -9.82 -8.07 -9.36
N SER A 181 -9.86 -7.68 -8.07
CA SER A 181 -10.21 -8.58 -6.95
C SER A 181 -11.72 -8.72 -6.82
N GLY A 182 -12.45 -7.68 -7.25
CA GLY A 182 -13.90 -7.60 -7.03
C GLY A 182 -14.32 -6.71 -5.90
N ALA A 183 -13.36 -6.28 -5.06
CA ALA A 183 -13.64 -5.27 -4.03
C ALA A 183 -13.82 -3.88 -4.63
N LEU A 184 -14.40 -2.99 -3.84
CA LEU A 184 -14.69 -1.62 -4.24
C LEU A 184 -13.53 -0.74 -3.81
N PRO A 185 -12.85 -0.08 -4.76
CA PRO A 185 -11.74 0.80 -4.37
C PRO A 185 -12.18 2.20 -3.98
N ILE A 186 -11.53 2.75 -2.96
CA ILE A 186 -11.60 4.18 -2.67
C ILE A 186 -10.14 4.64 -2.55
N GLY A 187 -9.73 5.47 -3.50
CA GLY A 187 -8.35 5.94 -3.54
C GLY A 187 -8.14 7.18 -2.74
N VAL A 188 -6.90 7.38 -2.27
CA VAL A 188 -6.50 8.62 -1.62
C VAL A 188 -5.34 9.27 -2.38
N GLY A 189 -5.49 10.51 -2.81
CA GLY A 189 -4.46 11.20 -3.59
C GLY A 189 -5.13 12.08 -4.62
N ARG A 190 -4.36 12.41 -5.65
CA ARG A 190 -4.74 13.38 -6.69
C ARG A 190 -5.46 12.62 -7.83
N PRO A 191 -6.60 13.14 -8.31
CA PRO A 191 -7.30 12.46 -9.43
C PRO A 191 -6.38 12.35 -10.69
N GLU A 192 -5.51 13.32 -10.83
CA GLU A 192 -4.57 13.29 -11.95
C GLU A 192 -3.54 12.19 -11.86
N ASP A 193 -3.29 11.69 -10.64
CA ASP A 193 -2.54 10.47 -10.50
C ASP A 193 -3.38 9.19 -10.53
N LEU A 194 -4.57 9.24 -9.94
CA LEU A 194 -5.29 8.00 -9.64
C LEU A 194 -6.50 7.72 -10.52
N GLY A 195 -6.90 8.72 -11.28
CA GLY A 195 -7.96 8.55 -12.27
C GLY A 195 -9.27 9.19 -11.85
N ASP A 196 -10.15 9.35 -12.83
CA ASP A 196 -11.48 9.99 -12.67
C ASP A 196 -12.61 8.95 -12.66
N ASP A 197 -12.27 7.66 -12.56
CA ASP A 197 -13.27 6.60 -12.73
C ASP A 197 -13.62 5.86 -11.46
N ILE A 198 -12.92 6.16 -10.37
CA ILE A 198 -13.30 5.62 -9.06
C ILE A 198 -13.47 6.76 -8.08
N VAL A 199 -13.98 6.45 -6.89
CA VAL A 199 -14.07 7.46 -5.85
C VAL A 199 -12.64 7.69 -5.32
N ILE A 200 -12.25 8.96 -5.32
CA ILE A 200 -10.96 9.40 -4.81
C ILE A 200 -11.17 10.48 -3.75
N VAL A 201 -10.44 10.41 -2.64
CA VAL A 201 -10.49 11.45 -1.60
C VAL A 201 -9.13 12.13 -1.52
N PRO A 202 -9.06 13.40 -1.13
CA PRO A 202 -7.79 14.10 -1.21
C PRO A 202 -6.80 13.78 -0.09
N ASP A 203 -7.29 13.28 1.06
CA ASP A 203 -6.47 12.96 2.23
C ASP A 203 -7.26 11.96 3.07
N THR A 204 -6.58 11.26 3.97
CA THR A 204 -7.20 10.19 4.72
C THR A 204 -8.21 10.62 5.77
N SER A 205 -8.29 11.89 6.12
CA SER A 205 -9.35 12.35 7.03
C SER A 205 -10.73 11.99 6.48
N HIS A 206 -10.84 11.89 5.15
CA HIS A 206 -12.05 11.51 4.44
C HIS A 206 -12.46 10.07 4.63
N TYR A 207 -11.53 9.22 5.06
CA TYR A 207 -11.82 7.83 5.31
C TYR A 207 -12.48 7.65 6.70
N THR A 208 -13.79 7.95 6.75
CA THR A 208 -14.62 7.71 7.93
C THR A 208 -15.51 6.54 7.56
N LEU A 209 -15.98 5.84 8.59
CA LEU A 209 -16.98 4.80 8.39
C LEU A 209 -18.23 5.42 7.73
N GLU A 210 -18.59 6.63 8.16
CA GLU A 210 -19.75 7.34 7.59
C GLU A 210 -19.58 7.45 6.05
N PHE A 211 -18.39 7.87 5.60
CA PHE A 211 -18.17 8.01 4.17
C PHE A 211 -18.12 6.69 3.43
N LEU A 212 -17.44 5.70 4.04
CA LEU A 212 -17.46 4.38 3.42
C LEU A 212 -18.87 3.85 3.23
N LYS A 213 -19.76 4.12 4.20
CA LYS A 213 -21.15 3.79 4.06
C LYS A 213 -21.81 4.61 2.94
N GLU A 214 -21.55 5.92 2.89
CA GLU A 214 -22.09 6.84 1.90
C GLU A 214 -21.71 6.29 0.51
N VAL A 215 -20.44 5.88 0.34
CA VAL A 215 -19.95 5.35 -0.95
C VAL A 215 -20.56 3.99 -1.28
N TRP A 216 -20.63 3.12 -0.28
CA TRP A 216 -21.20 1.80 -0.50
C TRP A 216 -22.68 1.90 -0.94
N LEU A 217 -23.43 2.79 -0.33
CA LEU A 217 -24.85 2.97 -0.66
C LEU A 217 -25.00 3.48 -2.13
N GLN A 218 -24.03 4.29 -2.56
CA GLN A 218 -23.91 4.89 -3.92
C GLN A 218 -24.50 6.28 -3.94
#